data_6QZI
#
_entry.id   6QZI
#
_cell.length_a   85.831
_cell.length_b   85.831
_cell.length_c   83.051
_cell.angle_alpha   90.000
_cell.angle_beta   90.000
_cell.angle_gamma   90.000
#
_symmetry.space_group_name_H-M   'I 4'
#
loop_
_entity.id
_entity.type
_entity.pdbx_description
1 polymer Aquaporin-7
2 non-polymer GLYCEROL
3 non-polymer 'PHOSPHATE ION'
4 water water
#
_entity_poly.entity_id   1
_entity_poly.type   'polypeptide(L)'
_entity_poly.pdbx_seq_one_letter_code
;MVREFLAEFMSTYVMMVFGLGSVAHMVLNKKYGSYLGVNLGFGFGVTMGVHVAGRISGAHMNAAVTFANCALGRVPWRKF
PVYVLGQFLGSFLAAATIYSLFYTAILHFSGGQLMVTGPVATAGIFATYLPDHMTLWRGFLNEAWLTGMLQLCLFAITDQ
ENNPALPGTEALVIGILVVIIGVSLGMNTGYAINPSRDLPPRIFTFIAGWGKQVFSNGENWWWVPVVAPLLGAYLGGIIY
LVFIGST
;
_entity_poly.pdbx_strand_id   A
#
loop_
_chem_comp.id
_chem_comp.type
_chem_comp.name
_chem_comp.formula
GOL non-polymer GLYCEROL 'C3 H8 O3'
PO4 non-polymer 'PHOSPHATE ION' 'O4 P -3'
#
# COMPACT_ATOMS: atom_id res chain seq x y z
N MET A 1 -17.75 -14.50 8.55
CA MET A 1 -16.89 -13.36 8.30
C MET A 1 -16.50 -13.25 6.83
N VAL A 2 -17.26 -13.94 5.97
CA VAL A 2 -16.98 -13.85 4.54
C VAL A 2 -17.36 -12.48 4.00
N ARG A 3 -18.30 -11.78 4.66
CA ARG A 3 -18.65 -10.42 4.27
C ARG A 3 -17.42 -9.51 4.26
N GLU A 4 -16.68 -9.50 5.37
CA GLU A 4 -15.50 -8.65 5.45
C GLU A 4 -14.38 -9.15 4.56
N PHE A 5 -14.25 -10.47 4.40
CA PHE A 5 -13.25 -11.03 3.51
C PHE A 5 -13.46 -10.53 2.08
N LEU A 6 -14.69 -10.63 1.58
CA LEU A 6 -14.96 -10.24 0.20
C LEU A 6 -14.82 -8.75 0.02
N ALA A 7 -15.20 -7.95 1.03
CA ALA A 7 -15.06 -6.50 0.92
C ALA A 7 -13.60 -6.09 0.92
N GLU A 8 -12.79 -6.69 1.81
CA GLU A 8 -11.37 -6.39 1.80
C GLU A 8 -10.71 -6.86 0.52
N PHE A 9 -11.14 -8.00 -0.03
CA PHE A 9 -10.63 -8.46 -1.30
C PHE A 9 -10.93 -7.47 -2.42
N MET A 10 -12.21 -7.10 -2.55
CA MET A 10 -12.62 -6.25 -3.67
C MET A 10 -12.00 -4.87 -3.58
N SER A 11 -11.96 -4.27 -2.38
CA SER A 11 -11.42 -2.93 -2.25
C SER A 11 -9.91 -2.91 -2.46
N THR A 12 -9.20 -3.90 -1.89
CA THR A 12 -7.76 -3.95 -2.09
C THR A 12 -7.43 -4.20 -3.56
N TYR A 13 -8.20 -5.06 -4.24
CA TYR A 13 -7.98 -5.28 -5.67
C TYR A 13 -8.12 -3.97 -6.45
N VAL A 14 -9.22 -3.26 -6.24
CA VAL A 14 -9.45 -2.01 -6.96
C VAL A 14 -8.33 -1.01 -6.67
N MET A 15 -8.03 -0.80 -5.39
CA MET A 15 -6.98 0.14 -5.01
C MET A 15 -5.65 -0.21 -5.67
N MET A 16 -5.31 -1.50 -5.69
CA MET A 16 -3.98 -1.91 -6.17
C MET A 16 -3.89 -1.88 -7.69
N VAL A 17 -5.00 -2.09 -8.41
CA VAL A 17 -4.98 -1.92 -9.86
C VAL A 17 -4.66 -0.48 -10.21
N PHE A 18 -5.33 0.47 -9.56
CA PHE A 18 -5.03 1.88 -9.78
C PHE A 18 -3.61 2.21 -9.34
N GLY A 19 -3.20 1.69 -8.19
CA GLY A 19 -1.87 1.96 -7.69
C GLY A 19 -0.77 1.42 -8.57
N LEU A 20 -0.78 0.12 -8.83
CA LEU A 20 0.28 -0.50 -9.62
C LEU A 20 0.25 -0.02 -11.07
N GLY A 21 -0.94 0.26 -11.60
CA GLY A 21 -1.01 0.80 -12.95
C GLY A 21 -0.29 2.12 -13.10
N SER A 22 -0.43 3.01 -12.10
CA SER A 22 0.23 4.31 -12.20
C SER A 22 1.74 4.17 -12.11
N VAL A 23 2.23 3.20 -11.32
CA VAL A 23 3.66 2.96 -11.26
C VAL A 23 4.17 2.39 -12.58
N ALA A 24 3.36 1.52 -13.21
CA ALA A 24 3.74 1.00 -14.52
C ALA A 24 3.88 2.11 -15.54
N HIS A 25 2.98 3.10 -15.49
CA HIS A 25 3.11 4.26 -16.36
C HIS A 25 4.43 4.99 -16.12
N MET A 26 4.74 5.27 -14.85
CA MET A 26 5.96 6.03 -14.53
C MET A 26 7.20 5.27 -14.96
N VAL A 27 7.22 3.95 -14.79
CA VAL A 27 8.40 3.17 -15.15
C VAL A 27 8.52 3.06 -16.67
N LEU A 28 7.42 2.76 -17.35
CA LEU A 28 7.52 2.31 -18.74
C LEU A 28 7.51 3.44 -19.76
N ASN A 29 6.97 4.61 -19.43
CA ASN A 29 6.94 5.69 -20.41
C ASN A 29 6.90 7.03 -19.69
N LYS A 30 7.97 7.81 -19.83
CA LYS A 30 8.02 9.13 -19.20
C LYS A 30 7.02 10.11 -19.81
N LYS A 31 6.54 9.84 -21.04
CA LYS A 31 5.53 10.71 -21.64
C LYS A 31 4.18 10.57 -20.97
N TYR A 32 3.86 9.38 -20.45
CA TYR A 32 2.53 9.08 -19.92
C TYR A 32 2.55 8.73 -18.43
N GLY A 33 3.68 8.91 -17.75
CA GLY A 33 3.76 8.58 -16.35
C GLY A 33 4.68 9.52 -15.62
N SER A 34 4.48 9.63 -14.32
CA SER A 34 5.27 10.51 -13.48
C SER A 34 5.09 10.10 -12.03
N TYR A 35 5.96 10.62 -11.16
CA TYR A 35 5.82 10.34 -9.73
C TYR A 35 4.53 10.92 -9.18
N LEU A 36 4.13 12.10 -9.67
CA LEU A 36 2.84 12.65 -9.27
C LEU A 36 1.70 11.75 -9.71
N GLY A 37 1.80 11.18 -10.91
CA GLY A 37 0.80 10.21 -11.35
C GLY A 37 0.69 9.04 -10.38
N VAL A 38 1.83 8.55 -9.89
CA VAL A 38 1.81 7.48 -8.90
C VAL A 38 1.15 7.95 -7.61
N ASN A 39 1.49 9.17 -7.17
CA ASN A 39 0.84 9.72 -5.98
C ASN A 39 -0.68 9.74 -6.15
N LEU A 40 -1.15 10.18 -7.31
CA LEU A 40 -2.59 10.25 -7.55
C LEU A 40 -3.22 8.87 -7.71
N GLY A 41 -2.51 7.95 -8.38
CA GLY A 41 -3.10 6.65 -8.65
C GLY A 41 -3.34 5.85 -7.40
N PHE A 42 -2.34 5.76 -6.52
CA PHE A 42 -2.52 5.08 -5.25
C PHE A 42 -3.47 5.85 -4.34
N GLY A 43 -3.33 7.18 -4.30
CA GLY A 43 -4.18 8.00 -3.45
C GLY A 43 -5.65 7.86 -3.76
N PHE A 44 -6.06 8.16 -4.98
CA PHE A 44 -7.48 8.07 -5.29
C PHE A 44 -7.91 6.66 -5.64
N GLY A 45 -6.95 5.74 -5.88
CA GLY A 45 -7.30 4.33 -5.85
C GLY A 45 -7.80 3.90 -4.48
N VAL A 46 -7.22 4.47 -3.41
CA VAL A 46 -7.72 4.22 -2.07
C VAL A 46 -9.14 4.76 -1.91
N THR A 47 -9.40 5.95 -2.50
CA THR A 47 -10.74 6.52 -2.44
C THR A 47 -11.77 5.55 -3.01
N MET A 48 -11.48 4.96 -4.17
CA MET A 48 -12.43 4.02 -4.76
C MET A 48 -12.62 2.79 -3.88
N GLY A 49 -11.53 2.27 -3.30
CA GLY A 49 -11.64 1.14 -2.40
C GLY A 49 -12.48 1.44 -1.18
N VAL A 50 -12.39 2.68 -0.67
CA VAL A 50 -13.22 3.06 0.47
C VAL A 50 -14.70 3.05 0.09
N HIS A 51 -15.02 3.49 -1.13
CA HIS A 51 -16.43 3.44 -1.55
C HIS A 51 -16.90 1.99 -1.68
N VAL A 52 -16.02 1.07 -2.04
CA VAL A 52 -16.39 -0.33 -2.21
C VAL A 52 -16.68 -0.97 -0.87
N ALA A 53 -15.76 -0.85 0.09
CA ALA A 53 -15.79 -1.65 1.31
C ALA A 53 -15.91 -0.84 2.59
N GLY A 54 -16.00 0.49 2.50
CA GLY A 54 -15.93 1.32 3.70
C GLY A 54 -16.97 0.99 4.75
N ARG A 55 -18.21 0.76 4.32
CA ARG A 55 -19.29 0.49 5.27
C ARG A 55 -19.57 -0.99 5.47
N ILE A 56 -18.84 -1.86 4.79
CA ILE A 56 -18.95 -3.30 4.99
C ILE A 56 -17.86 -3.81 5.92
N SER A 57 -16.61 -3.46 5.64
CA SER A 57 -15.47 -3.92 6.41
C SER A 57 -14.62 -2.80 7.00
N GLY A 58 -14.86 -1.55 6.60
CA GLY A 58 -13.98 -0.46 6.93
C GLY A 58 -12.96 -0.12 5.86
N ALA A 59 -12.83 -0.97 4.83
CA ALA A 59 -11.91 -0.75 3.72
C ALA A 59 -10.50 -0.50 4.21
N HIS A 60 -10.00 -1.42 5.04
CA HIS A 60 -8.63 -1.30 5.53
C HIS A 60 -7.63 -1.36 4.39
N MET A 61 -7.75 -2.39 3.54
CA MET A 61 -6.90 -2.56 2.35
C MET A 61 -5.41 -2.58 2.71
N ASN A 62 -5.10 -2.91 3.97
CA ASN A 62 -3.79 -2.66 4.54
C ASN A 62 -3.65 -3.48 5.81
N ALA A 63 -2.75 -4.48 5.82
CA ALA A 63 -2.63 -5.36 6.97
C ALA A 63 -2.16 -4.60 8.21
N ALA A 64 -1.37 -3.54 8.03
CA ALA A 64 -0.92 -2.75 9.16
C ALA A 64 -2.07 -1.95 9.77
N VAL A 65 -2.97 -1.45 8.94
CA VAL A 65 -4.14 -0.75 9.44
C VAL A 65 -5.02 -1.71 10.23
N THR A 66 -5.21 -2.92 9.72
CA THR A 66 -5.99 -3.92 10.46
C THR A 66 -5.28 -4.30 11.76
N PHE A 67 -3.96 -4.49 11.70
CA PHE A 67 -3.21 -4.83 12.90
C PHE A 67 -3.34 -3.76 13.97
N ALA A 68 -3.18 -2.49 13.58
CA ALA A 68 -3.30 -1.41 14.55
C ALA A 68 -4.71 -1.34 15.13
N ASN A 69 -5.73 -1.52 14.30
CA ASN A 69 -7.11 -1.46 14.78
C ASN A 69 -7.43 -2.62 15.72
N CYS A 70 -6.88 -3.82 15.46
CA CYS A 70 -7.06 -4.92 16.38
C CYS A 70 -6.24 -4.72 17.66
N ALA A 71 -4.97 -4.33 17.51
CA ALA A 71 -4.12 -4.16 18.68
C ALA A 71 -4.61 -3.02 19.57
N LEU A 72 -5.32 -2.05 19.00
CA LEU A 72 -5.88 -0.95 19.76
C LEU A 72 -7.32 -1.23 20.20
N GLY A 73 -7.80 -2.45 20.06
CA GLY A 73 -9.09 -2.82 20.59
C GLY A 73 -10.30 -2.30 19.85
N ARG A 74 -10.18 -2.08 18.54
CA ARG A 74 -11.31 -1.61 17.75
C ARG A 74 -11.87 -2.67 16.81
N VAL A 75 -11.12 -3.72 16.52
CA VAL A 75 -11.57 -4.83 15.69
C VAL A 75 -11.14 -6.11 16.40
N PRO A 76 -12.02 -7.12 16.53
CA PRO A 76 -11.61 -8.35 17.22
C PRO A 76 -10.50 -9.07 16.47
N TRP A 77 -9.59 -9.69 17.23
CA TRP A 77 -8.43 -10.33 16.60
C TRP A 77 -8.83 -11.47 15.67
N ARG A 78 -10.02 -12.05 15.86
CA ARG A 78 -10.47 -13.13 14.98
C ARG A 78 -10.65 -12.64 13.54
N LYS A 79 -10.90 -11.34 13.35
CA LYS A 79 -11.07 -10.80 12.00
C LYS A 79 -9.74 -10.52 11.32
N PHE A 80 -8.65 -10.46 12.07
CA PHE A 80 -7.36 -10.11 11.48
C PHE A 80 -6.95 -11.06 10.35
N PRO A 81 -6.94 -12.39 10.53
CA PRO A 81 -6.58 -13.25 9.39
C PRO A 81 -7.56 -13.15 8.22
N VAL A 82 -8.83 -12.90 8.51
CA VAL A 82 -9.83 -12.78 7.44
C VAL A 82 -9.54 -11.55 6.60
N TYR A 83 -9.27 -10.42 7.25
CA TYR A 83 -8.95 -9.18 6.54
C TYR A 83 -7.68 -9.34 5.72
N VAL A 84 -6.63 -9.87 6.33
CA VAL A 84 -5.32 -9.93 5.67
C VAL A 84 -5.36 -10.90 4.50
N LEU A 85 -6.06 -12.04 4.66
CA LEU A 85 -6.22 -12.97 3.55
C LEU A 85 -6.93 -12.31 2.37
N GLY A 86 -8.00 -11.58 2.66
CA GLY A 86 -8.69 -10.86 1.59
C GLY A 86 -7.79 -9.83 0.92
N GLN A 87 -7.04 -9.07 1.72
CA GLN A 87 -6.14 -8.06 1.16
C GLN A 87 -5.05 -8.71 0.31
N PHE A 88 -4.46 -9.80 0.81
CA PHE A 88 -3.37 -10.44 0.07
C PHE A 88 -3.86 -11.02 -1.25
N LEU A 89 -5.05 -11.63 -1.24
CA LEU A 89 -5.60 -12.20 -2.47
CA LEU A 89 -5.60 -12.20 -2.47
C LEU A 89 -5.93 -11.10 -3.48
N GLY A 90 -6.58 -10.04 -3.02
CA GLY A 90 -6.93 -8.95 -3.92
C GLY A 90 -5.71 -8.28 -4.52
N SER A 91 -4.68 -8.06 -3.71
CA SER A 91 -3.48 -7.39 -4.19
C SER A 91 -2.67 -8.29 -5.12
N PHE A 92 -2.62 -9.59 -4.82
CA PHE A 92 -1.94 -10.54 -5.70
C PHE A 92 -2.60 -10.55 -7.08
N LEU A 93 -3.93 -10.64 -7.12
CA LEU A 93 -4.62 -10.65 -8.41
C LEU A 93 -4.54 -9.31 -9.11
N ALA A 94 -4.43 -8.21 -8.35
CA ALA A 94 -4.18 -6.92 -8.99
C ALA A 94 -2.83 -6.89 -9.68
N ALA A 95 -1.79 -7.44 -9.02
CA ALA A 95 -0.49 -7.58 -9.66
C ALA A 95 -0.61 -8.40 -10.94
N ALA A 96 -1.33 -9.52 -10.87
CA ALA A 96 -1.52 -10.34 -12.06
C ALA A 96 -2.28 -9.60 -13.14
N THR A 97 -3.22 -8.73 -12.75
CA THR A 97 -3.99 -7.95 -13.72
C THR A 97 -3.09 -6.95 -14.45
N ILE A 98 -2.28 -6.19 -13.70
CA ILE A 98 -1.39 -5.21 -14.30
C ILE A 98 -0.38 -5.90 -15.22
N TYR A 99 0.18 -7.03 -14.77
CA TYR A 99 1.14 -7.76 -15.59
C TYR A 99 0.55 -8.15 -16.94
N SER A 100 -0.73 -8.52 -16.96
CA SER A 100 -1.34 -8.97 -18.20
C SER A 100 -1.76 -7.78 -19.08
N LEU A 101 -2.24 -6.69 -18.45
CA LEU A 101 -2.64 -5.51 -19.22
C LEU A 101 -1.42 -4.81 -19.82
N PHE A 102 -0.31 -4.78 -19.10
CA PHE A 102 0.90 -4.10 -19.55
C PHE A 102 1.94 -5.07 -20.12
N TYR A 103 1.53 -6.30 -20.44
CA TYR A 103 2.49 -7.33 -20.81
C TYR A 103 3.39 -6.89 -21.97
N THR A 104 2.77 -6.37 -23.05
CA THR A 104 3.58 -5.99 -24.20
C THR A 104 4.41 -4.75 -23.93
N ALA A 105 3.90 -3.83 -23.12
CA ALA A 105 4.71 -2.67 -22.73
C ALA A 105 5.93 -3.11 -21.92
N ILE A 106 5.74 -4.05 -21.00
CA ILE A 106 6.85 -4.57 -20.20
C ILE A 106 7.86 -5.27 -21.10
N LEU A 107 7.37 -6.02 -22.09
CA LEU A 107 8.26 -6.75 -22.97
C LEU A 107 8.97 -5.83 -23.97
N HIS A 108 8.25 -4.83 -24.50
CA HIS A 108 8.89 -3.87 -25.39
C HIS A 108 9.91 -3.02 -24.65
N PHE A 109 9.61 -2.67 -23.39
CA PHE A 109 10.51 -1.83 -22.61
C PHE A 109 11.80 -2.56 -22.28
N SER A 110 11.68 -3.80 -21.82
CA SER A 110 12.82 -4.56 -21.32
C SER A 110 13.51 -5.40 -22.40
N GLY A 111 13.02 -5.35 -23.64
CA GLY A 111 13.56 -6.23 -24.66
C GLY A 111 13.26 -7.69 -24.45
N GLY A 112 12.30 -8.00 -23.58
CA GLY A 112 11.96 -9.37 -23.25
C GLY A 112 12.58 -9.90 -21.97
N GLN A 113 13.38 -9.10 -21.28
CA GLN A 113 14.11 -9.53 -20.09
C GLN A 113 13.44 -8.93 -18.86
N LEU A 114 12.71 -9.77 -18.12
CA LEU A 114 12.13 -9.34 -16.85
C LEU A 114 13.25 -9.01 -15.87
N MET A 115 13.66 -7.74 -15.81
CA MET A 115 14.81 -7.32 -15.03
C MET A 115 14.36 -6.69 -13.72
N VAL A 116 15.09 -7.01 -12.64
CA VAL A 116 14.81 -6.40 -11.34
C VAL A 116 15.36 -4.98 -11.27
N THR A 117 16.64 -4.81 -11.63
CA THR A 117 17.15 -3.52 -12.07
C THR A 117 18.51 -3.73 -12.76
N GLY A 118 18.46 -3.89 -14.08
CA GLY A 118 19.66 -3.87 -14.88
C GLY A 118 19.64 -2.65 -15.78
N PRO A 119 19.78 -2.85 -17.09
CA PRO A 119 19.56 -1.72 -18.02
C PRO A 119 18.17 -1.14 -17.93
N VAL A 120 17.15 -1.99 -17.70
CA VAL A 120 15.76 -1.53 -17.64
C VAL A 120 14.98 -2.33 -16.61
N ALA A 121 14.82 -1.76 -15.42
CA ALA A 121 14.10 -2.43 -14.35
C ALA A 121 12.60 -2.47 -14.63
N THR A 122 11.95 -3.55 -14.21
CA THR A 122 10.50 -3.66 -14.24
C THR A 122 9.92 -4.28 -12.97
N ALA A 123 10.73 -4.93 -12.15
CA ALA A 123 10.22 -5.49 -10.90
C ALA A 123 9.68 -4.39 -9.99
N GLY A 124 10.24 -3.19 -10.06
CA GLY A 124 9.77 -2.07 -9.27
C GLY A 124 8.37 -1.59 -9.60
N ILE A 125 7.80 -2.06 -10.72
CA ILE A 125 6.40 -1.76 -11.02
C ILE A 125 5.49 -2.35 -9.95
N PHE A 126 5.88 -3.47 -9.36
CA PHE A 126 4.98 -4.23 -8.50
C PHE A 126 5.28 -4.07 -7.01
N ALA A 127 6.55 -3.96 -6.62
CA ALA A 127 6.91 -3.88 -5.21
C ALA A 127 8.00 -2.83 -5.03
N THR A 128 8.25 -2.46 -3.77
CA THR A 128 9.23 -1.43 -3.45
C THR A 128 10.63 -2.02 -3.38
N TYR A 129 11.61 -1.19 -3.73
CA TYR A 129 13.02 -1.56 -3.65
C TYR A 129 13.81 -0.37 -3.11
N LEU A 130 14.76 -0.65 -2.23
CA LEU A 130 15.53 0.40 -1.59
C LEU A 130 16.39 1.13 -2.63
N PRO A 131 16.29 2.46 -2.72
CA PRO A 131 17.28 3.20 -3.49
C PRO A 131 18.67 3.00 -2.89
N ASP A 132 19.68 3.17 -3.73
CA ASP A 132 21.03 2.83 -3.30
C ASP A 132 21.59 3.80 -2.27
N HIS A 133 21.01 4.99 -2.15
CA HIS A 133 21.46 5.91 -1.11
C HIS A 133 20.96 5.51 0.28
N MET A 134 20.07 4.53 0.38
CA MET A 134 19.41 4.20 1.63
C MET A 134 20.07 3.00 2.30
N THR A 135 20.04 3.01 3.63
CA THR A 135 20.37 1.85 4.44
C THR A 135 19.09 1.14 4.87
N LEU A 136 19.23 -0.13 5.24
CA LEU A 136 18.05 -0.89 5.64
C LEU A 136 17.47 -0.36 6.95
N TRP A 137 18.32 0.11 7.85
CA TRP A 137 17.84 0.69 9.10
C TRP A 137 17.01 1.94 8.83
N ARG A 138 17.53 2.86 8.01
CA ARG A 138 16.78 4.07 7.71
C ARG A 138 15.55 3.77 6.85
N GLY A 139 15.60 2.69 6.07
CA GLY A 139 14.40 2.25 5.37
C GLY A 139 13.33 1.74 6.32
N PHE A 140 13.74 0.97 7.34
CA PHE A 140 12.82 0.57 8.39
C PHE A 140 12.22 1.78 9.08
N LEU A 141 13.07 2.75 9.43
CA LEU A 141 12.60 3.95 10.11
C LEU A 141 11.58 4.71 9.26
N ASN A 142 11.82 4.79 7.95
CA ASN A 142 10.89 5.49 7.08
C ASN A 142 9.54 4.77 7.02
N GLU A 143 9.56 3.46 6.77
CA GLU A 143 8.31 2.72 6.63
C GLU A 143 7.50 2.77 7.93
N ALA A 144 8.18 2.69 9.08
CA ALA A 144 7.47 2.80 10.34
C ALA A 144 6.86 4.19 10.53
N TRP A 145 7.67 5.24 10.32
CA TRP A 145 7.17 6.59 10.56
C TRP A 145 6.06 6.96 9.58
N LEU A 146 6.22 6.59 8.32
CA LEU A 146 5.22 6.94 7.32
C LEU A 146 3.91 6.22 7.58
N THR A 147 3.97 4.96 8.00
CA THR A 147 2.74 4.25 8.36
C THR A 147 2.13 4.82 9.63
N GLY A 148 2.98 5.32 10.54
CA GLY A 148 2.45 6.04 11.69
C GLY A 148 1.71 7.30 11.29
N MET A 149 2.27 8.06 10.35
CA MET A 149 1.57 9.24 9.83
C MET A 149 0.24 8.84 9.21
N LEU A 150 0.22 7.73 8.47
CA LEU A 150 -1.02 7.26 7.86
C LEU A 150 -2.08 6.96 8.92
N GLN A 151 -1.71 6.18 9.94
CA GLN A 151 -2.70 5.76 10.92
C GLN A 151 -3.22 6.93 11.74
N LEU A 152 -2.33 7.85 12.12
CA LEU A 152 -2.76 9.00 12.92
C LEU A 152 -3.74 9.87 12.14
N CYS A 153 -3.42 10.16 10.87
CA CYS A 153 -4.32 10.97 10.07
C CYS A 153 -5.59 10.22 9.69
N LEU A 154 -5.51 8.90 9.47
CA LEU A 154 -6.72 8.11 9.25
C LEU A 154 -7.67 8.27 10.41
N PHE A 155 -7.16 8.17 11.64
CA PHE A 155 -8.00 8.35 12.82
C PHE A 155 -8.60 9.75 12.84
N ALA A 156 -7.79 10.77 12.57
CA ALA A 156 -8.26 12.15 12.63
C ALA A 156 -9.36 12.40 11.60
N ILE A 157 -9.24 11.81 10.42
CA ILE A 157 -10.22 12.05 9.35
C ILE A 157 -11.55 11.39 9.69
N THR A 158 -11.53 10.28 10.41
CA THR A 158 -12.74 9.50 10.67
C THR A 158 -13.22 9.57 12.11
N ASP A 159 -12.57 10.36 12.98
CA ASP A 159 -12.93 10.43 14.39
C ASP A 159 -14.21 11.26 14.55
N GLN A 160 -15.33 10.57 14.77
CA GLN A 160 -16.62 11.23 14.93
C GLN A 160 -16.71 12.08 16.19
N GLU A 161 -15.77 11.92 17.13
CA GLU A 161 -15.77 12.70 18.37
C GLU A 161 -14.77 13.84 18.34
N ASN A 162 -14.10 14.07 17.21
CA ASN A 162 -13.16 15.18 17.10
C ASN A 162 -13.57 16.10 15.97
N ASN A 163 -12.85 16.06 14.84
CA ASN A 163 -13.13 16.92 13.69
C ASN A 163 -13.00 16.11 12.40
N PRO A 164 -13.96 15.21 12.16
CA PRO A 164 -13.83 14.30 11.02
C PRO A 164 -14.28 14.97 9.72
N ALA A 165 -13.92 14.33 8.62
CA ALA A 165 -14.49 14.71 7.33
C ALA A 165 -16.00 14.48 7.36
N LEU A 166 -16.73 15.34 6.67
CA LEU A 166 -18.18 15.19 6.62
C LEU A 166 -18.52 13.80 6.11
N PRO A 167 -19.43 13.08 6.77
CA PRO A 167 -19.79 11.73 6.32
C PRO A 167 -20.23 11.73 4.86
N GLY A 168 -19.68 10.81 4.09
CA GLY A 168 -19.89 10.76 2.66
C GLY A 168 -18.80 11.42 1.85
N THR A 169 -17.80 12.02 2.51
CA THR A 169 -16.63 12.57 1.85
C THR A 169 -15.32 12.04 2.40
N GLU A 170 -15.35 11.13 3.38
N GLU A 170 -15.35 11.12 3.38
CA GLU A 170 -14.12 10.64 3.98
CA GLU A 170 -14.09 10.67 3.97
C GLU A 170 -13.24 9.92 2.96
C GLU A 170 -13.24 9.89 2.98
N ALA A 171 -13.86 9.24 2.00
CA ALA A 171 -13.07 8.53 0.98
C ALA A 171 -12.16 9.49 0.22
N LEU A 172 -12.67 10.69 -0.08
CA LEU A 172 -11.86 11.68 -0.78
CA LEU A 172 -11.85 11.67 -0.78
C LEU A 172 -10.69 12.14 0.08
N VAL A 173 -10.97 12.49 1.34
CA VAL A 173 -9.93 13.03 2.21
C VAL A 173 -8.88 11.96 2.50
N ILE A 174 -9.30 10.71 2.75
CA ILE A 174 -8.36 9.63 2.94
C ILE A 174 -7.48 9.46 1.70
N GLY A 175 -8.09 9.55 0.51
CA GLY A 175 -7.30 9.47 -0.70
C GLY A 175 -6.26 10.56 -0.79
N ILE A 176 -6.62 11.79 -0.42
CA ILE A 176 -5.66 12.90 -0.43
C ILE A 176 -4.53 12.63 0.54
N LEU A 177 -4.84 12.05 1.70
CA LEU A 177 -3.79 11.67 2.65
C LEU A 177 -2.77 10.75 2.00
N VAL A 178 -3.25 9.72 1.28
CA VAL A 178 -2.32 8.80 0.62
C VAL A 178 -1.58 9.50 -0.52
N VAL A 179 -2.22 10.48 -1.17
CA VAL A 179 -1.52 11.24 -2.20
C VAL A 179 -0.29 11.92 -1.61
N ILE A 180 -0.46 12.65 -0.51
CA ILE A 180 0.63 13.47 -0.02
C ILE A 180 1.64 12.68 0.80
N ILE A 181 1.29 11.50 1.33
CA ILE A 181 2.33 10.64 1.85
C ILE A 181 3.33 10.31 0.75
N GLY A 182 2.83 10.07 -0.47
CA GLY A 182 3.73 9.91 -1.60
C GLY A 182 4.44 11.18 -1.99
N VAL A 183 3.72 12.30 -2.06
CA VAL A 183 4.33 13.56 -2.46
C VAL A 183 5.45 13.95 -1.50
N SER A 184 5.20 13.83 -0.20
CA SER A 184 6.09 14.39 0.81
C SER A 184 7.11 13.41 1.36
N LEU A 185 6.84 12.10 1.33
CA LEU A 185 7.66 11.15 2.08
C LEU A 185 8.07 9.91 1.30
N GLY A 186 7.74 9.83 0.01
CA GLY A 186 7.82 8.55 -0.68
C GLY A 186 9.11 8.20 -1.39
N MET A 187 10.00 9.16 -1.63
CA MET A 187 11.17 8.88 -2.45
C MET A 187 12.20 8.00 -1.74
N ASN A 188 12.13 7.87 -0.42
CA ASN A 188 13.19 7.17 0.29
C ASN A 188 12.98 5.66 0.30
N THR A 189 11.73 5.19 0.27
CA THR A 189 11.46 3.76 0.30
C THR A 189 10.36 3.32 -0.65
N GLY A 190 9.77 4.23 -1.43
CA GLY A 190 8.60 3.88 -2.20
C GLY A 190 7.32 3.87 -1.39
N TYR A 191 7.33 4.46 -0.20
CA TYR A 191 6.26 4.46 0.81
C TYR A 191 5.31 3.28 0.70
N ALA A 192 5.83 2.07 0.90
CA ALA A 192 4.97 0.88 0.90
C ALA A 192 3.83 1.04 1.90
N ILE A 193 4.16 1.41 3.15
CA ILE A 193 3.23 1.68 4.26
C ILE A 193 2.10 0.66 4.35
N ASN A 194 2.30 -0.53 3.80
CA ASN A 194 1.21 -1.47 3.63
C ASN A 194 1.76 -2.84 3.27
N PRO A 195 1.77 -3.80 4.21
CA PRO A 195 2.25 -5.14 3.86
C PRO A 195 1.45 -5.81 2.76
N SER A 196 0.14 -5.53 2.67
CA SER A 196 -0.68 -6.11 1.62
C SER A 196 -0.40 -5.50 0.26
N ARG A 197 0.12 -4.28 0.21
CA ARG A 197 0.47 -3.66 -1.05
C ARG A 197 1.82 -4.17 -1.58
N ASP A 198 2.69 -4.60 -0.69
CA ASP A 198 4.09 -4.87 -1.04
C ASP A 198 4.38 -6.35 -1.23
N LEU A 199 4.01 -7.19 -0.27
CA LEU A 199 4.42 -8.59 -0.33
C LEU A 199 3.68 -9.39 -1.40
N PRO A 200 2.36 -9.28 -1.57
CA PRO A 200 1.68 -10.10 -2.59
C PRO A 200 2.17 -9.81 -4.00
N PRO A 201 2.34 -8.54 -4.41
CA PRO A 201 2.90 -8.31 -5.74
C PRO A 201 4.35 -8.72 -5.86
N ARG A 202 5.12 -8.66 -4.77
CA ARG A 202 6.49 -9.18 -4.81
C ARG A 202 6.49 -10.68 -5.05
N ILE A 203 5.60 -11.39 -4.36
CA ILE A 203 5.46 -12.84 -4.57
C ILE A 203 5.05 -13.12 -6.01
N PHE A 204 4.20 -12.25 -6.59
CA PHE A 204 3.79 -12.45 -7.97
C PHE A 204 4.99 -12.37 -8.92
N THR A 205 5.84 -11.35 -8.74
CA THR A 205 6.98 -11.20 -9.64
C THR A 205 7.94 -12.37 -9.51
N PHE A 206 8.07 -12.96 -8.31
CA PHE A 206 8.87 -14.16 -8.16
C PHE A 206 8.28 -15.31 -8.97
N ILE A 207 6.97 -15.50 -8.88
CA ILE A 207 6.31 -16.55 -9.65
C ILE A 207 6.34 -16.24 -11.14
N ALA A 208 6.26 -14.96 -11.50
CA ALA A 208 6.21 -14.58 -12.91
C ALA A 208 7.56 -14.69 -13.62
N GLY A 209 8.65 -14.91 -12.88
CA GLY A 209 9.95 -15.14 -13.49
C GLY A 209 10.99 -14.08 -13.19
N TRP A 210 10.71 -13.07 -12.37
CA TRP A 210 11.72 -12.08 -12.05
C TRP A 210 12.85 -12.64 -11.19
N GLY A 211 12.64 -13.78 -10.54
CA GLY A 211 13.72 -14.48 -9.88
C GLY A 211 13.78 -14.21 -8.38
N LYS A 212 14.72 -14.91 -7.73
CA LYS A 212 14.93 -14.84 -6.30
C LYS A 212 15.28 -13.44 -5.81
N GLN A 213 15.83 -12.60 -6.69
CA GLN A 213 16.38 -11.31 -6.25
C GLN A 213 15.30 -10.30 -5.89
N VAL A 214 14.02 -10.59 -6.16
CA VAL A 214 12.97 -9.70 -5.69
C VAL A 214 12.91 -9.69 -4.17
N PHE A 215 13.44 -10.74 -3.52
CA PHE A 215 13.49 -10.83 -2.07
C PHE A 215 14.82 -10.38 -1.51
N SER A 216 15.93 -10.82 -2.11
CA SER A 216 17.25 -10.57 -1.54
C SER A 216 17.80 -9.20 -1.87
N ASN A 217 17.23 -8.50 -2.86
CA ASN A 217 17.73 -7.17 -3.20
C ASN A 217 17.53 -6.22 -2.02
N GLY A 218 18.40 -5.21 -1.94
CA GLY A 218 18.31 -4.26 -0.85
C GLY A 218 18.55 -4.87 0.51
N GLU A 219 19.48 -5.84 0.59
CA GLU A 219 19.84 -6.48 1.85
C GLU A 219 18.64 -7.15 2.50
N ASN A 220 17.96 -8.00 1.72
CA ASN A 220 16.72 -8.66 2.14
C ASN A 220 15.66 -7.62 2.54
N TRP A 221 15.43 -6.66 1.65
CA TRP A 221 14.50 -5.58 1.94
C TRP A 221 13.07 -6.07 2.13
N TRP A 222 12.73 -7.24 1.55
CA TRP A 222 11.34 -7.65 1.41
C TRP A 222 10.57 -7.68 2.73
N TRP A 223 11.24 -8.00 3.84
CA TRP A 223 10.50 -8.16 5.09
C TRP A 223 10.19 -6.83 5.77
N VAL A 224 10.88 -5.75 5.42
CA VAL A 224 10.70 -4.48 6.11
C VAL A 224 9.30 -3.91 5.82
N PRO A 225 8.84 -3.84 4.57
CA PRO A 225 7.46 -3.38 4.34
C PRO A 225 6.40 -4.27 4.97
N VAL A 226 6.78 -5.44 5.48
CA VAL A 226 5.83 -6.27 6.21
C VAL A 226 5.82 -5.92 7.69
N VAL A 227 6.99 -5.71 8.30
CA VAL A 227 7.08 -5.57 9.74
C VAL A 227 7.04 -4.11 10.17
N ALA A 228 7.80 -3.24 9.50
CA ALA A 228 7.85 -1.84 9.90
C ALA A 228 6.50 -1.15 9.87
N PRO A 229 5.64 -1.34 8.86
CA PRO A 229 4.31 -0.71 8.92
C PRO A 229 3.45 -1.21 10.07
N LEU A 230 3.56 -2.49 10.45
CA LEU A 230 2.81 -2.99 11.59
C LEU A 230 3.13 -2.18 12.83
N LEU A 231 4.42 -1.98 13.10
CA LEU A 231 4.84 -1.19 14.26
C LEU A 231 4.43 0.27 14.11
N GLY A 232 4.62 0.83 12.91
CA GLY A 232 4.31 2.24 12.70
C GLY A 232 2.83 2.54 12.87
N ALA A 233 1.97 1.72 12.26
CA ALA A 233 0.54 1.94 12.38
C ALA A 233 0.09 1.88 13.83
N TYR A 234 0.59 0.90 14.58
CA TYR A 234 0.23 0.80 16.00
C TYR A 234 0.69 2.04 16.77
N LEU A 235 1.91 2.49 16.52
CA LEU A 235 2.43 3.65 17.24
C LEU A 235 1.70 4.92 16.85
N GLY A 236 1.40 5.09 15.56
CA GLY A 236 0.64 6.26 15.13
C GLY A 236 -0.75 6.29 15.72
N GLY A 237 -1.41 5.13 15.79
CA GLY A 237 -2.71 5.07 16.43
C GLY A 237 -2.64 5.34 17.92
N ILE A 238 -1.61 4.79 18.59
CA ILE A 238 -1.43 5.04 20.01
C ILE A 238 -1.25 6.54 20.27
N ILE A 239 -0.46 7.20 19.44
CA ILE A 239 -0.19 8.62 19.64
C ILE A 239 -1.46 9.44 19.48
N TYR A 240 -2.29 9.11 18.49
CA TYR A 240 -3.55 9.84 18.33
C TYR A 240 -4.46 9.64 19.54
N LEU A 241 -4.59 8.39 20.01
CA LEU A 241 -5.46 8.11 21.15
C LEU A 241 -4.97 8.81 22.41
N VAL A 242 -3.65 8.76 22.66
CA VAL A 242 -3.09 9.48 23.80
C VAL A 242 -3.31 10.98 23.62
N PHE A 243 -3.24 11.46 22.38
CA PHE A 243 -3.49 12.86 22.11
C PHE A 243 -4.93 13.24 22.44
N ILE A 244 -5.89 12.49 21.91
CA ILE A 244 -7.29 12.80 22.17
C ILE A 244 -7.65 12.55 23.62
N GLY A 245 -7.18 11.45 24.20
CA GLY A 245 -7.44 11.18 25.60
C GLY A 245 -6.97 12.30 26.51
N SER A 246 -5.85 12.93 26.16
CA SER A 246 -5.33 14.05 26.93
C SER A 246 -6.09 15.33 26.68
N THR A 247 -6.83 15.43 25.57
CA THR A 247 -7.66 16.59 25.29
C THR A 247 -9.11 16.34 25.71
C1 GOL B . -15.83 4.54 5.45
O1 GOL B . -16.37 5.59 4.72
C2 GOL B . -14.55 5.07 6.13
O2 GOL B . -14.82 5.70 7.33
C3 GOL B . -13.66 3.81 6.32
O3 GOL B . -12.45 4.25 6.85
C1 GOL C . 1.37 3.01 -0.77
O1 GOL C . 0.95 1.71 -0.56
C2 GOL C . 1.67 3.17 -2.27
O2 GOL C . 1.19 4.37 -2.74
C3 GOL C . 3.19 3.13 -2.41
O3 GOL C . 3.60 1.90 -1.97
C1 GOL D . 6.44 2.44 -24.80
O1 GOL D . 5.14 2.69 -24.37
C2 GOL D . 7.15 1.69 -23.65
O2 GOL D . 6.67 0.39 -23.49
C3 GOL D . 8.66 1.72 -24.01
O3 GOL D . 8.97 3.05 -24.30
C1 GOL E . -7.03 -5.47 22.63
O1 GOL E . -8.32 -5.96 22.43
C2 GOL E . -6.06 -6.59 22.21
O2 GOL E . -6.34 -7.79 22.86
C3 GOL E . -4.65 -6.06 22.56
O3 GOL E . -3.77 -7.14 22.39
C1 GOL F . -24.98 -3.59 0.90
O1 GOL F . -26.04 -4.42 0.55
C2 GOL F . -24.53 -4.02 2.32
O2 GOL F . -23.70 -5.12 2.29
C3 GOL F . -23.84 -2.77 2.91
O3 GOL F . -23.71 -3.00 4.28
C1 GOL G . 9.51 1.86 -8.10
O1 GOL G . 10.82 2.25 -8.43
C2 GOL G . 9.57 1.10 -6.75
O2 GOL G . 8.58 1.51 -5.88
C3 GOL G . 10.98 1.35 -6.17
O3 GOL G . 10.82 1.59 -4.81
C1 GOL H . 11.64 6.89 -18.24
O1 GOL H . 11.16 6.61 -16.96
C2 GOL H . 10.77 6.09 -19.24
O2 GOL H . 11.02 4.72 -19.17
C3 GOL H . 11.09 6.68 -20.63
O3 GOL H . 10.07 6.29 -21.49
C1 GOL I . 5.46 3.61 -5.09
O1 GOL I . 5.93 2.55 -4.31
C2 GOL I . 6.60 4.02 -6.06
O2 GOL I . 6.10 4.62 -7.20
C3 GOL I . 7.48 4.99 -5.27
O3 GOL I . 8.60 5.26 -6.06
C1 GOL J . 1.86 12.07 -16.71
O1 GOL J . 1.60 11.95 -15.35
C2 GOL J . 2.78 13.30 -16.88
O2 GOL J . 3.94 12.98 -17.55
C3 GOL J . 1.92 14.32 -17.63
O3 GOL J . 2.11 15.55 -17.00
C1 GOL K . -1.40 -13.28 -20.72
O1 GOL K . -2.47 -12.63 -20.09
C2 GOL K . -0.21 -13.24 -19.74
O2 GOL K . -0.27 -12.13 -18.91
C3 GOL K . 1.04 -13.20 -20.65
O3 GOL K . 0.98 -14.34 -21.46
C1 GOL L . -11.85 6.87 14.25
O1 GOL L . -12.83 5.93 13.91
C2 GOL L . -11.84 6.93 15.79
O2 GOL L . -12.77 7.83 16.30
C3 GOL L . -10.40 7.30 16.17
O3 GOL L . -10.33 7.26 17.56
C1 GOL M . -2.63 3.14 1.26
O1 GOL M . -2.09 2.27 0.32
C2 GOL M . -3.68 2.33 2.05
O2 GOL M . -3.10 1.32 2.79
C3 GOL M . -4.40 3.38 2.94
O3 GOL M . -5.64 2.83 3.30
C1 GOL N . -5.28 2.16 2.64
O1 GOL N . -3.93 1.86 2.81
C2 GOL N . -5.84 2.55 4.02
O2 GOL N . -5.05 3.51 4.65
C3 GOL N . -7.26 3.06 3.75
O3 GOL N . -7.99 2.87 4.93
C1 GOL O . 7.41 -6.00 -28.22
O1 GOL O . 7.59 -4.71 -28.69
C2 GOL O . 5.90 -6.33 -28.38
O2 GOL O . 5.39 -5.81 -29.56
C3 GOL O . 5.82 -7.86 -28.33
O3 GOL O . 4.49 -8.20 -28.63
P PO4 P . 16.38 -13.92 -13.58
O1 PO4 P . 15.65 -14.84 -12.63
O2 PO4 P . 17.59 -13.35 -12.90
O3 PO4 P . 15.45 -12.81 -14.01
O4 PO4 P . 16.81 -14.70 -14.80
P PO4 Q . -23.88 9.19 3.89
O1 PO4 Q . -25.12 8.45 3.47
O2 PO4 Q . -24.26 10.37 4.75
O3 PO4 Q . -22.98 8.26 4.67
O4 PO4 Q . -23.15 9.68 2.66
P PO4 R . 15.41 -14.88 1.18
O1 PO4 R . 13.94 -14.75 0.92
O2 PO4 R . 15.67 -14.88 2.68
O3 PO4 R . 15.92 -16.18 0.58
O4 PO4 R . 16.14 -13.72 0.55
#